data_3FCH
#
_entry.id   3FCH
#
_cell.length_a   117.163
_cell.length_b   117.163
_cell.length_c   101.464
_cell.angle_alpha   90.00
_cell.angle_beta   90.00
_cell.angle_gamma   120.00
#
_symmetry.space_group_name_H-M   'H 3'
#
loop_
_entity.id
_entity.type
_entity.pdbx_description
1 polymer 'Carboxysome shell protein CsoS1D'
2 water water
#
_entity_poly.entity_id   1
_entity_poly.type   'polypeptide(L)'
_entity_poly.pdbx_seq_one_letter_code
;MSYYHHHHHHDYDIPTTENLTFQGAMEPTSSLNRGDRKKGSSLVTGSEVQSQSNGASCFITTDSEKSLVSRQASQVEQIE
LRTYVFLDSLQPQLAAYMGTVSRGFLPIPGDSCLWMEVSPGMAVHRVTDIALKASNVRLGQMIVERAFGSLALYHKDQST
VLHSGDVVLDAIGSEVRKRTKPSTSWTEVICAITPDHAVLINRQNRSGSMIQSGMSMFILETEPAGYVLKAANEAEKSAN
ITIIDVKAVGAFGRLTLAGKEGDVEEAAAAAIRAIDQISNY
;
_entity_poly.pdbx_strand_id   A,B
#
# COMPACT_ATOMS: atom_id res chain seq x y z
N GLN A 75 21.24 26.94 -4.02
CA GLN A 75 21.75 26.20 -2.89
C GLN A 75 20.90 24.95 -2.64
N VAL A 76 20.35 24.82 -1.44
CA VAL A 76 19.48 23.70 -1.12
C VAL A 76 18.06 23.97 -1.61
N GLU A 77 17.82 25.19 -2.06
CA GLU A 77 16.50 25.58 -2.56
C GLU A 77 16.36 25.29 -4.05
N GLN A 78 17.48 25.26 -4.75
CA GLN A 78 17.47 24.99 -6.18
C GLN A 78 17.40 23.49 -6.48
N ILE A 79 17.34 22.68 -5.42
CA ILE A 79 17.28 21.24 -5.58
C ILE A 79 15.84 20.79 -5.84
N GLU A 80 15.48 20.65 -7.11
CA GLU A 80 14.15 20.21 -7.48
C GLU A 80 13.91 18.78 -6.99
N LEU A 81 12.65 18.48 -6.67
CA LEU A 81 12.26 17.15 -6.23
C LEU A 81 11.35 16.50 -7.27
N ARG A 82 11.95 15.85 -8.26
CA ARG A 82 11.19 15.20 -9.32
C ARG A 82 10.29 14.11 -8.77
N THR A 83 10.89 13.09 -8.16
CA THR A 83 10.13 11.94 -7.66
C THR A 83 10.30 11.75 -6.16
N TYR A 84 9.23 11.30 -5.51
CA TYR A 84 9.28 10.94 -4.10
C TYR A 84 8.24 9.87 -3.80
N VAL A 85 8.56 8.62 -4.12
CA VAL A 85 7.64 7.52 -3.95
C VAL A 85 8.08 6.59 -2.81
N PHE A 86 7.11 6.07 -2.08
CA PHE A 86 7.38 5.12 -1.01
C PHE A 86 6.59 3.83 -1.23
N LEU A 87 7.24 2.70 -0.98
CA LEU A 87 6.62 1.39 -1.15
C LEU A 87 6.65 0.62 0.17
N ASP A 88 5.48 0.37 0.74
CA ASP A 88 5.36 -0.30 2.03
C ASP A 88 6.03 -1.68 2.03
N SER A 89 6.00 -2.36 0.88
CA SER A 89 6.55 -3.71 0.78
C SER A 89 6.83 -4.10 -0.65
N LEU A 90 8.07 -4.52 -0.91
CA LEU A 90 8.48 -4.92 -2.26
C LEU A 90 7.97 -6.33 -2.58
N GLN A 91 7.25 -6.44 -3.70
CA GLN A 91 6.75 -7.74 -4.14
C GLN A 91 7.91 -8.58 -4.65
N PRO A 92 7.68 -9.90 -4.78
CA PRO A 92 8.75 -10.83 -5.18
C PRO A 92 9.47 -10.41 -6.46
N GLN A 93 8.75 -10.40 -7.58
CA GLN A 93 9.36 -10.11 -8.88
C GLN A 93 10.04 -8.75 -8.93
N LEU A 94 9.39 -7.74 -8.36
CA LEU A 94 9.93 -6.37 -8.36
C LEU A 94 11.12 -6.25 -7.43
N ALA A 95 11.24 -7.19 -6.50
CA ALA A 95 12.34 -7.19 -5.54
C ALA A 95 13.60 -7.77 -6.18
N ALA A 96 13.44 -8.90 -6.87
CA ALA A 96 14.56 -9.55 -7.52
C ALA A 96 15.03 -8.72 -8.72
N TYR A 97 14.10 -7.99 -9.33
CA TYR A 97 14.43 -7.17 -10.48
C TYR A 97 15.26 -5.96 -10.06
N MET A 98 14.86 -5.33 -8.96
CA MET A 98 15.56 -4.16 -8.45
C MET A 98 16.98 -4.54 -8.04
N GLY A 99 17.13 -5.73 -7.47
CA GLY A 99 18.44 -6.22 -7.06
C GLY A 99 19.34 -6.49 -8.25
N THR A 100 18.74 -6.71 -9.41
CA THR A 100 19.48 -7.03 -10.63
C THR A 100 20.01 -5.77 -11.32
N VAL A 101 19.23 -4.69 -11.28
CA VAL A 101 19.56 -3.49 -12.03
C VAL A 101 20.14 -2.38 -11.15
N SER A 102 20.13 -2.59 -9.84
CA SER A 102 20.62 -1.59 -8.91
C SER A 102 22.14 -1.67 -8.76
N ARG A 103 22.74 -0.56 -8.33
CA ARG A 103 24.19 -0.49 -8.13
C ARG A 103 24.53 -0.45 -6.64
N GLY A 104 23.51 -0.42 -5.80
CA GLY A 104 23.70 -0.38 -4.37
C GLY A 104 23.49 -1.75 -3.74
N PHE A 105 22.95 -1.76 -2.52
CA PHE A 105 22.69 -3.01 -1.81
C PHE A 105 21.34 -3.58 -2.21
N LEU A 106 21.34 -4.86 -2.59
CA LEU A 106 20.14 -5.51 -3.09
C LEU A 106 19.03 -5.55 -2.03
N PRO A 107 17.77 -5.43 -2.48
CA PRO A 107 16.62 -5.49 -1.57
C PRO A 107 16.20 -6.93 -1.27
N ILE A 108 15.62 -7.14 -0.09
CA ILE A 108 15.03 -8.43 0.26
C ILE A 108 13.52 -8.32 0.14
N PRO A 109 12.88 -9.28 -0.54
CA PRO A 109 11.42 -9.22 -0.75
C PRO A 109 10.66 -8.85 0.51
N GLY A 110 9.89 -7.76 0.44
CA GLY A 110 9.10 -7.30 1.57
C GLY A 110 9.68 -6.06 2.21
N ASP A 111 10.80 -5.58 1.67
CA ASP A 111 11.49 -4.42 2.21
C ASP A 111 10.80 -3.13 1.75
N SER A 112 10.80 -2.13 2.63
CA SER A 112 10.29 -0.81 2.28
C SER A 112 11.29 -0.08 1.40
N CYS A 113 10.77 0.80 0.54
CA CYS A 113 11.61 1.52 -0.40
C CYS A 113 11.25 3.01 -0.42
N LEU A 114 12.23 3.84 -0.78
CA LEU A 114 12.00 5.27 -0.91
C LEU A 114 12.82 5.84 -2.07
N TRP A 115 12.18 5.96 -3.23
CA TRP A 115 12.83 6.48 -4.42
C TRP A 115 12.79 8.01 -4.41
N MET A 116 13.85 8.64 -4.90
CA MET A 116 13.93 10.09 -4.96
C MET A 116 14.78 10.55 -6.14
N GLU A 117 14.19 11.37 -7.00
CA GLU A 117 14.89 11.94 -8.14
C GLU A 117 15.01 13.46 -7.96
N VAL A 118 16.11 14.02 -8.44
CA VAL A 118 16.37 15.44 -8.24
C VAL A 118 17.18 16.07 -9.38
N SER A 119 17.22 17.39 -9.39
CA SER A 119 18.03 18.13 -10.34
C SER A 119 18.57 19.38 -9.66
N PRO A 120 19.84 19.75 -9.94
CA PRO A 120 20.80 19.14 -10.86
C PRO A 120 21.02 17.65 -10.61
N GLY A 121 21.51 16.96 -11.64
CA GLY A 121 21.66 15.52 -11.60
C GLY A 121 22.43 15.01 -10.40
N MET A 122 23.61 15.59 -10.16
CA MET A 122 24.47 15.10 -9.09
C MET A 122 24.32 15.94 -7.82
N ALA A 123 23.08 16.33 -7.52
CA ALA A 123 22.76 16.96 -6.24
C ALA A 123 22.24 15.90 -5.29
N VAL A 124 22.15 14.67 -5.80
CA VAL A 124 21.66 13.55 -5.01
C VAL A 124 22.70 13.10 -3.99
N HIS A 125 23.89 13.69 -4.06
CA HIS A 125 24.96 13.31 -3.14
C HIS A 125 24.71 13.82 -1.73
N ARG A 126 24.04 14.96 -1.62
CA ARG A 126 23.69 15.51 -0.32
C ARG A 126 22.44 14.86 0.23
N VAL A 127 21.51 14.54 -0.65
CA VAL A 127 20.28 13.86 -0.26
C VAL A 127 20.58 12.46 0.27
N THR A 128 21.59 11.82 -0.33
CA THR A 128 22.00 10.48 0.09
C THR A 128 22.72 10.56 1.42
N ASP A 129 23.72 11.43 1.51
CA ASP A 129 24.51 11.59 2.72
C ASP A 129 23.63 11.82 3.94
N ILE A 130 22.53 12.53 3.75
CA ILE A 130 21.63 12.87 4.85
C ILE A 130 20.75 11.69 5.23
N ALA A 131 20.28 10.96 4.23
CA ALA A 131 19.39 9.82 4.46
C ALA A 131 20.12 8.70 5.19
N LEU A 132 21.41 8.56 4.93
CA LEU A 132 22.20 7.48 5.51
C LEU A 132 22.69 7.87 6.90
N LYS A 133 23.10 9.13 7.05
CA LYS A 133 23.57 9.63 8.33
C LYS A 133 22.45 9.63 9.37
N ALA A 134 21.22 9.73 8.90
CA ALA A 134 20.08 9.91 9.80
C ALA A 134 19.24 8.63 9.97
N SER A 135 19.77 7.50 9.53
CA SER A 135 19.03 6.25 9.63
C SER A 135 19.90 5.01 9.39
N ASN A 136 19.32 3.84 9.67
CA ASN A 136 20.01 2.57 9.50
C ASN A 136 19.76 1.98 8.12
N VAL A 137 19.18 2.78 7.23
CA VAL A 137 18.86 2.33 5.88
C VAL A 137 20.12 2.10 5.05
N ARG A 138 20.03 1.19 4.09
CA ARG A 138 21.15 0.93 3.19
C ARG A 138 20.91 1.62 1.86
N LEU A 139 21.99 2.12 1.24
CA LEU A 139 21.89 2.79 -0.04
C LEU A 139 21.69 1.76 -1.15
N GLY A 140 20.44 1.44 -1.43
CA GLY A 140 20.09 0.45 -2.43
C GLY A 140 20.44 0.86 -3.85
N GLN A 141 20.44 2.16 -4.10
CA GLN A 141 20.73 2.66 -5.43
C GLN A 141 21.14 4.13 -5.42
N MET A 142 22.10 4.47 -6.26
CA MET A 142 22.49 5.85 -6.50
C MET A 142 23.11 5.95 -7.88
N ILE A 143 22.65 6.90 -8.67
CA ILE A 143 23.13 7.05 -10.04
C ILE A 143 22.81 8.44 -10.58
N VAL A 144 23.70 8.98 -11.40
CA VAL A 144 23.52 10.31 -11.96
C VAL A 144 23.27 10.25 -13.45
N GLU A 145 21.99 10.27 -13.82
CA GLU A 145 21.58 10.29 -15.22
C GLU A 145 22.17 11.51 -15.94
N ARG A 146 22.13 11.48 -17.26
CA ARG A 146 22.64 12.56 -18.09
C ARG A 146 22.35 13.94 -17.49
N ALA A 147 21.11 14.14 -17.06
CA ALA A 147 20.68 15.43 -16.52
C ALA A 147 20.17 15.33 -15.09
N PHE A 148 19.52 14.21 -14.77
CA PHE A 148 18.93 14.02 -13.45
C PHE A 148 19.74 13.03 -12.62
N GLY A 149 19.23 12.67 -11.45
CA GLY A 149 19.89 11.73 -10.56
C GLY A 149 18.96 11.20 -9.50
N SER A 150 18.97 9.87 -9.31
CA SER A 150 18.03 9.24 -8.40
C SER A 150 18.74 8.34 -7.39
N LEU A 151 18.00 7.95 -6.35
CA LEU A 151 18.51 7.00 -5.36
C LEU A 151 17.36 6.17 -4.80
N ALA A 152 17.70 5.17 -3.99
CA ALA A 152 16.70 4.31 -3.36
C ALA A 152 17.19 3.81 -2.01
N LEU A 153 16.35 3.94 -1.00
CA LEU A 153 16.70 3.49 0.34
C LEU A 153 15.89 2.25 0.71
N TYR A 154 16.57 1.22 1.21
CA TYR A 154 15.90 -0.02 1.60
C TYR A 154 16.04 -0.27 3.09
N HIS A 155 15.03 -0.93 3.66
CA HIS A 155 15.07 -1.35 5.06
C HIS A 155 13.79 -2.10 5.39
N LYS A 156 13.88 -3.04 6.32
CA LYS A 156 12.73 -3.87 6.68
C LYS A 156 11.70 -3.07 7.47
N ASP A 157 12.17 -2.15 8.31
CA ASP A 157 11.29 -1.30 9.10
C ASP A 157 10.78 -0.12 8.26
N GLN A 158 9.47 0.02 8.17
CA GLN A 158 8.87 1.12 7.43
C GLN A 158 9.22 2.46 8.06
N SER A 159 9.10 2.52 9.39
CA SER A 159 9.38 3.76 10.12
C SER A 159 10.80 4.23 9.88
N THR A 160 11.71 3.28 9.65
CA THR A 160 13.11 3.61 9.43
C THR A 160 13.30 4.32 8.09
N VAL A 161 12.71 3.75 7.04
CA VAL A 161 12.79 4.34 5.70
C VAL A 161 12.17 5.74 5.67
N LEU A 162 10.97 5.86 6.21
CA LEU A 162 10.24 7.12 6.21
C LEU A 162 10.98 8.18 7.02
N HIS A 163 11.67 7.75 8.08
CA HIS A 163 12.41 8.67 8.92
C HIS A 163 13.53 9.33 8.14
N SER A 164 14.18 8.57 7.26
CA SER A 164 15.23 9.10 6.41
C SER A 164 14.66 10.20 5.53
N GLY A 165 13.48 9.94 4.95
CA GLY A 165 12.83 10.90 4.09
C GLY A 165 12.45 12.19 4.80
N ASP A 166 12.09 12.05 6.08
CA ASP A 166 11.70 13.21 6.88
C ASP A 166 12.87 14.16 7.05
N VAL A 167 14.03 13.61 7.36
CA VAL A 167 15.22 14.40 7.61
C VAL A 167 15.69 15.12 6.35
N VAL A 168 15.75 14.39 5.23
CA VAL A 168 16.22 14.95 3.98
C VAL A 168 15.31 16.08 3.49
N LEU A 169 14.02 15.97 3.82
CA LEU A 169 13.05 17.00 3.43
C LEU A 169 13.25 18.26 4.24
N ASP A 170 13.57 18.11 5.51
CA ASP A 170 13.82 19.24 6.40
C ASP A 170 15.07 20.00 5.98
N ALA A 171 16.05 19.28 5.45
CA ALA A 171 17.34 19.86 5.09
C ALA A 171 17.24 20.70 3.82
N ILE A 172 16.56 20.17 2.80
CA ILE A 172 16.46 20.87 1.52
C ILE A 172 15.33 21.88 1.51
N GLY A 173 14.55 21.91 2.59
CA GLY A 173 13.41 22.81 2.67
C GLY A 173 12.32 22.41 1.69
N SER A 174 11.61 21.34 2.03
CA SER A 174 10.57 20.81 1.15
C SER A 174 9.71 19.79 1.89
N GLU A 175 8.62 19.37 1.26
CA GLU A 175 7.76 18.35 1.83
C GLU A 175 7.19 17.45 0.74
N VAL A 176 6.37 16.48 1.13
CA VAL A 176 5.89 15.45 0.21
C VAL A 176 5.13 16.02 -0.99
N ARG A 177 4.40 17.11 -0.79
CA ARG A 177 3.49 17.61 -1.81
C ARG A 177 4.15 18.66 -2.71
N LYS A 178 5.46 18.84 -2.58
CA LYS A 178 6.21 19.75 -3.44
C LYS A 178 6.92 18.98 -4.54
N ARG A 179 6.34 17.85 -4.94
CA ARG A 179 6.96 16.98 -5.92
C ARG A 179 6.35 17.17 -7.31
N THR A 180 7.11 16.80 -8.34
CA THR A 180 6.64 16.88 -9.71
C THR A 180 5.65 15.75 -9.98
N LYS A 181 4.37 16.09 -10.07
CA LYS A 181 3.32 15.10 -10.22
C LYS A 181 3.45 14.32 -11.52
N PRO A 182 3.08 13.03 -11.49
CA PRO A 182 3.23 12.11 -12.63
C PRO A 182 2.41 12.50 -13.85
N SER A 183 3.09 12.73 -14.97
CA SER A 183 2.44 13.03 -16.22
C SER A 183 2.54 11.84 -17.17
N THR A 184 1.50 11.00 -17.17
CA THR A 184 1.48 9.81 -18.02
C THR A 184 1.56 10.20 -19.49
N SER A 185 2.63 9.79 -20.16
CA SER A 185 2.83 10.14 -21.56
C SER A 185 2.36 9.04 -22.51
N TRP A 186 2.05 7.87 -21.97
CA TRP A 186 1.62 6.75 -22.80
C TRP A 186 1.14 5.58 -21.96
N THR A 187 0.06 4.95 -22.40
CA THR A 187 -0.50 3.78 -21.72
C THR A 187 -1.41 3.00 -22.65
N GLU A 188 -1.21 1.69 -22.72
CA GLU A 188 -2.05 0.83 -23.54
C GLU A 188 -1.86 -0.64 -23.22
N VAL A 189 -2.65 -1.48 -23.87
CA VAL A 189 -2.54 -2.93 -23.72
C VAL A 189 -2.66 -3.60 -25.10
N ILE A 190 -1.62 -4.32 -25.48
CA ILE A 190 -1.59 -5.02 -26.76
C ILE A 190 -1.83 -6.52 -26.55
N CYS A 191 -2.93 -7.02 -27.09
CA CYS A 191 -3.29 -8.43 -26.95
C CYS A 191 -2.58 -9.28 -28.01
N ALA A 192 -2.26 -10.52 -27.64
CA ALA A 192 -1.64 -11.46 -28.56
C ALA A 192 -0.44 -10.83 -29.28
N ILE A 193 0.61 -10.56 -28.51
CA ILE A 193 1.84 -10.02 -29.08
C ILE A 193 2.46 -10.99 -30.08
N THR A 194 2.66 -10.51 -31.31
CA THR A 194 3.21 -11.35 -32.37
C THR A 194 4.58 -11.89 -31.96
N PRO A 195 5.02 -12.97 -32.63
CA PRO A 195 6.32 -13.59 -32.34
C PRO A 195 7.49 -12.64 -32.55
N ASP A 196 7.44 -11.85 -33.62
CA ASP A 196 8.49 -10.89 -33.92
C ASP A 196 8.56 -9.80 -32.85
N HIS A 197 7.40 -9.29 -32.48
CA HIS A 197 7.31 -8.22 -31.49
C HIS A 197 7.86 -8.67 -30.15
N ALA A 198 7.68 -9.95 -29.84
CA ALA A 198 8.09 -10.50 -28.54
C ALA A 198 9.60 -10.64 -28.44
N VAL A 199 10.19 -11.37 -29.38
CA VAL A 199 11.62 -11.62 -29.36
C VAL A 199 12.40 -10.32 -29.45
N LEU A 200 11.76 -9.29 -30.00
CA LEU A 200 12.40 -7.99 -30.16
C LEU A 200 12.55 -7.34 -28.79
N ILE A 201 11.49 -7.40 -27.99
CA ILE A 201 11.49 -6.84 -26.65
C ILE A 201 12.50 -7.57 -25.75
N ASN A 202 12.78 -8.83 -26.09
CA ASN A 202 13.72 -9.64 -25.33
C ASN A 202 15.16 -9.18 -25.55
N ARG A 203 15.46 -8.71 -26.76
CA ARG A 203 16.80 -8.24 -27.09
C ARG A 203 16.91 -6.73 -26.88
N GLN A 204 16.13 -6.22 -25.93
CA GLN A 204 16.10 -4.78 -25.65
C GLN A 204 16.76 -4.45 -24.33
N ASN A 205 18.04 -4.82 -24.19
CA ASN A 205 18.75 -4.61 -22.93
C ASN A 205 17.82 -4.97 -21.78
N ARG A 206 17.39 -6.23 -21.76
CA ARG A 206 16.38 -6.70 -20.84
C ARG A 206 16.99 -7.28 -19.57
N SER A 207 16.60 -6.71 -18.43
CA SER A 207 17.10 -7.16 -17.13
C SER A 207 16.02 -7.88 -16.35
N GLY A 208 14.82 -7.95 -16.90
CA GLY A 208 13.72 -8.63 -16.26
C GLY A 208 13.49 -10.00 -16.85
N SER A 209 12.23 -10.43 -16.87
CA SER A 209 11.87 -11.74 -17.41
C SER A 209 11.53 -11.64 -18.89
N MET A 210 11.51 -12.78 -19.56
CA MET A 210 11.22 -12.83 -20.99
C MET A 210 9.73 -12.67 -21.25
N ILE A 211 9.40 -12.22 -22.46
CA ILE A 211 8.02 -12.15 -22.91
C ILE A 211 7.81 -13.18 -24.00
N GLN A 212 6.60 -13.71 -24.11
CA GLN A 212 6.31 -14.76 -25.08
C GLN A 212 5.26 -14.31 -26.10
N SER A 213 5.24 -14.96 -27.26
CA SER A 213 4.26 -14.67 -28.29
C SER A 213 2.89 -15.19 -27.86
N GLY A 214 1.84 -14.54 -28.34
CA GLY A 214 0.48 -14.86 -27.92
C GLY A 214 0.16 -14.24 -26.58
N MET A 215 1.20 -13.88 -25.84
CA MET A 215 1.07 -13.29 -24.52
C MET A 215 0.60 -11.84 -24.65
N SER A 216 -0.23 -11.41 -23.71
CA SER A 216 -0.69 -10.02 -23.67
C SER A 216 0.29 -9.17 -22.86
N MET A 217 0.45 -7.91 -23.27
CA MET A 217 1.41 -7.02 -22.64
C MET A 217 0.77 -5.68 -22.27
N PHE A 218 1.29 -5.07 -21.21
CA PHE A 218 0.83 -3.74 -20.79
C PHE A 218 2.03 -2.81 -20.64
N ILE A 219 1.88 -1.58 -21.13
CA ILE A 219 2.97 -0.61 -21.06
C ILE A 219 2.51 0.71 -20.46
N LEU A 220 3.42 1.38 -19.76
CA LEU A 220 3.09 2.63 -19.07
C LEU A 220 4.31 3.54 -18.98
N GLU A 221 4.39 4.50 -19.88
CA GLU A 221 5.45 5.50 -19.85
C GLU A 221 4.98 6.74 -19.09
N THR A 222 5.89 7.38 -18.38
CA THR A 222 5.54 8.54 -17.56
C THR A 222 6.70 9.52 -17.44
N GLU A 223 6.54 10.51 -16.56
CA GLU A 223 7.58 11.51 -16.31
C GLU A 223 7.16 12.39 -15.13
N PRO A 224 8.01 12.50 -14.10
CA PRO A 224 9.34 11.88 -13.99
C PRO A 224 9.31 10.35 -14.09
N ALA A 225 10.47 9.75 -14.29
CA ALA A 225 10.57 8.32 -14.52
C ALA A 225 10.44 7.50 -13.25
N GLY A 226 10.74 8.12 -12.11
CA GLY A 226 10.76 7.41 -10.84
C GLY A 226 9.40 7.02 -10.28
N TYR A 227 8.33 7.36 -11.01
CA TYR A 227 6.98 7.12 -10.50
C TYR A 227 6.39 5.79 -10.97
N VAL A 228 6.96 5.20 -12.02
CA VAL A 228 6.48 3.91 -12.51
C VAL A 228 6.87 2.79 -11.56
N LEU A 229 7.64 3.13 -10.53
CA LEU A 229 8.07 2.15 -9.54
C LEU A 229 6.90 1.81 -8.62
N LYS A 230 6.02 2.79 -8.41
CA LYS A 230 4.84 2.59 -7.59
C LYS A 230 3.78 1.78 -8.32
N ALA A 231 3.59 2.08 -9.59
CA ALA A 231 2.61 1.38 -10.41
C ALA A 231 3.04 -0.06 -10.66
N ALA A 232 4.35 -0.27 -10.73
CA ALA A 232 4.90 -1.60 -10.96
C ALA A 232 4.66 -2.49 -9.76
N ASN A 233 4.66 -1.90 -8.57
CA ASN A 233 4.50 -2.65 -7.34
C ASN A 233 3.04 -3.01 -7.06
N GLU A 234 2.17 -2.01 -7.17
CA GLU A 234 0.75 -2.19 -6.87
C GLU A 234 0.05 -3.01 -7.95
N ALA A 235 0.62 -3.01 -9.16
CA ALA A 235 0.08 -3.82 -10.25
C ALA A 235 0.45 -5.27 -10.02
N GLU A 236 1.65 -5.51 -9.50
CA GLU A 236 2.09 -6.87 -9.20
C GLU A 236 1.29 -7.45 -8.05
N LYS A 237 0.88 -6.59 -7.12
CA LYS A 237 0.05 -7.01 -6.00
C LYS A 237 -1.33 -7.45 -6.49
N SER A 238 -1.82 -6.75 -7.50
CA SER A 238 -3.18 -6.98 -8.01
C SER A 238 -3.29 -8.27 -8.80
N ALA A 239 -2.25 -8.59 -9.56
CA ALA A 239 -2.28 -9.80 -10.40
C ALA A 239 -0.90 -10.43 -10.49
N ASN A 240 -0.88 -11.74 -10.76
CA ASN A 240 0.38 -12.46 -10.92
C ASN A 240 0.85 -12.37 -12.37
N ILE A 241 1.39 -11.20 -12.71
CA ILE A 241 1.87 -10.94 -14.08
C ILE A 241 3.37 -11.18 -14.17
N THR A 242 3.97 -10.74 -15.27
CA THR A 242 5.40 -10.90 -15.47
C THR A 242 6.06 -9.55 -15.73
N ILE A 243 6.99 -9.17 -14.85
CA ILE A 243 7.71 -7.92 -15.00
C ILE A 243 8.80 -8.06 -16.05
N ILE A 244 8.63 -7.34 -17.16
CA ILE A 244 9.60 -7.35 -18.25
C ILE A 244 10.74 -6.37 -17.97
N ASP A 245 10.37 -5.13 -17.68
CA ASP A 245 11.36 -4.09 -17.40
C ASP A 245 10.72 -2.89 -16.70
N VAL A 246 11.38 -2.40 -15.66
CA VAL A 246 10.92 -1.22 -14.94
C VAL A 246 12.05 -0.19 -14.83
N LYS A 247 12.19 0.63 -15.87
CA LYS A 247 13.23 1.65 -15.90
C LYS A 247 12.71 2.96 -15.31
N ALA A 248 13.19 3.28 -14.12
CA ALA A 248 12.73 4.45 -13.38
C ALA A 248 13.71 5.62 -13.51
N VAL A 249 14.84 5.37 -14.17
CA VAL A 249 15.84 6.41 -14.37
C VAL A 249 15.90 6.81 -15.85
N GLY A 250 15.84 8.11 -16.11
CA GLY A 250 15.86 8.60 -17.48
C GLY A 250 14.84 9.71 -17.67
N ALA A 251 14.85 10.29 -18.86
CA ALA A 251 13.87 11.30 -19.22
C ALA A 251 12.46 10.80 -18.90
N PHE A 252 12.18 9.55 -19.28
CA PHE A 252 10.87 8.95 -19.04
C PHE A 252 11.00 7.62 -18.32
N GLY A 253 10.00 7.29 -17.50
CA GLY A 253 9.96 6.02 -16.81
C GLY A 253 9.04 5.04 -17.52
N ARG A 254 9.61 3.91 -17.94
CA ARG A 254 8.85 2.93 -18.72
C ARG A 254 8.62 1.65 -17.92
N LEU A 255 7.36 1.21 -17.90
CA LEU A 255 6.97 0.01 -17.16
C LEU A 255 6.28 -0.98 -18.09
N THR A 256 6.84 -2.17 -18.21
CA THR A 256 6.31 -3.20 -19.10
C THR A 256 5.98 -4.47 -18.34
N LEU A 257 4.76 -4.95 -18.51
CA LEU A 257 4.31 -6.19 -17.87
C LEU A 257 3.90 -7.20 -18.94
N ALA A 258 3.41 -8.35 -18.51
CA ALA A 258 2.94 -9.38 -19.44
C ALA A 258 2.11 -10.43 -18.71
N GLY A 259 1.54 -11.35 -19.47
CA GLY A 259 0.73 -12.41 -18.90
C GLY A 259 -0.47 -12.73 -19.78
N LYS A 260 -1.56 -13.17 -19.15
CA LYS A 260 -2.78 -13.48 -19.87
C LYS A 260 -3.65 -12.23 -19.97
N GLU A 261 -4.45 -12.15 -21.04
CA GLU A 261 -5.23 -10.95 -21.33
C GLU A 261 -5.94 -10.40 -20.08
N GLY A 262 -6.77 -11.24 -19.47
CA GLY A 262 -7.54 -10.83 -18.29
C GLY A 262 -6.64 -10.48 -17.12
N ASP A 263 -5.57 -11.24 -16.95
CA ASP A 263 -4.64 -11.03 -15.85
C ASP A 263 -3.94 -9.69 -15.98
N VAL A 264 -3.71 -9.26 -17.23
CA VAL A 264 -2.97 -8.04 -17.50
C VAL A 264 -3.87 -6.81 -17.42
N GLU A 265 -5.16 -7.01 -17.71
CA GLU A 265 -6.13 -5.91 -17.64
C GLU A 265 -6.39 -5.52 -16.19
N GLU A 266 -6.06 -6.42 -15.27
CA GLU A 266 -6.23 -6.15 -13.85
C GLU A 266 -4.99 -5.45 -13.31
N ALA A 267 -3.83 -5.88 -13.78
CA ALA A 267 -2.56 -5.27 -13.39
C ALA A 267 -2.46 -3.86 -13.96
N ALA A 268 -3.10 -3.65 -15.10
CA ALA A 268 -3.09 -2.36 -15.77
C ALA A 268 -3.89 -1.34 -14.96
N ALA A 269 -5.11 -1.72 -14.60
CA ALA A 269 -5.98 -0.84 -13.83
C ALA A 269 -5.32 -0.42 -12.51
N ALA A 270 -4.63 -1.37 -11.89
CA ALA A 270 -3.94 -1.10 -10.63
C ALA A 270 -2.83 -0.08 -10.83
N ALA A 271 -2.20 -0.11 -12.00
CA ALA A 271 -1.12 0.81 -12.32
C ALA A 271 -1.66 2.21 -12.62
N ILE A 272 -2.88 2.29 -13.12
CA ILE A 272 -3.49 3.57 -13.46
C ILE A 272 -3.72 4.38 -12.19
N ARG A 273 -4.25 3.72 -11.16
CA ARG A 273 -4.57 4.38 -9.91
C ARG A 273 -3.31 4.75 -9.12
N ALA A 274 -2.22 4.03 -9.37
CA ALA A 274 -0.96 4.30 -8.69
C ALA A 274 -0.45 5.69 -9.06
N ILE A 275 -0.54 6.02 -10.34
CA ILE A 275 -0.11 7.32 -10.84
C ILE A 275 -1.18 8.39 -10.62
N ASP A 276 -2.44 7.97 -10.67
CA ASP A 276 -3.56 8.90 -10.60
C ASP A 276 -3.88 9.33 -9.17
N GLN A 277 -3.38 8.57 -8.20
CA GLN A 277 -3.61 8.90 -6.79
C GLN A 277 -2.45 9.70 -6.23
N ILE A 278 -1.65 10.27 -7.13
CA ILE A 278 -0.53 11.13 -6.73
C ILE A 278 -0.77 12.56 -7.20
N SER A 279 -1.61 12.72 -8.22
CA SER A 279 -1.93 14.04 -8.74
C SER A 279 -2.65 14.87 -7.70
N ILE B 79 3.39 -9.61 27.16
CA ILE B 79 2.36 -9.07 26.28
C ILE B 79 2.66 -9.43 24.83
N GLU B 80 1.85 -10.30 24.25
CA GLU B 80 2.07 -10.78 22.90
C GLU B 80 1.28 -9.98 21.87
N LEU B 81 1.75 -9.99 20.63
CA LEU B 81 1.06 -9.30 19.54
C LEU B 81 0.16 -10.25 18.78
N ARG B 82 -1.14 -10.01 18.85
CA ARG B 82 -2.12 -10.87 18.21
C ARG B 82 -2.50 -10.32 16.83
N THR B 83 -2.44 -9.00 16.68
CA THR B 83 -2.81 -8.36 15.43
C THR B 83 -2.02 -7.07 15.21
N TYR B 84 -1.78 -6.75 13.94
CA TYR B 84 -1.05 -5.54 13.57
C TYR B 84 -1.33 -5.24 12.10
N VAL B 85 -1.96 -4.10 11.84
CA VAL B 85 -2.37 -3.74 10.49
C VAL B 85 -2.25 -2.24 10.26
N PHE B 86 -1.35 -1.85 9.38
CA PHE B 86 -1.17 -0.44 9.05
C PHE B 86 -1.81 -0.11 7.70
N LEU B 87 -2.60 0.95 7.68
CA LEU B 87 -3.26 1.40 6.46
C LEU B 87 -2.61 2.68 5.96
N ASP B 88 -1.96 2.60 4.81
CA ASP B 88 -1.25 3.73 4.24
C ASP B 88 -2.10 5.00 4.22
N SER B 89 -3.32 4.89 3.69
CA SER B 89 -4.20 6.05 3.54
C SER B 89 -5.66 5.64 3.51
N LEU B 90 -6.40 6.05 4.53
CA LEU B 90 -7.82 5.72 4.63
C LEU B 90 -8.58 6.27 3.44
N GLN B 91 -9.13 5.37 2.63
CA GLN B 91 -9.96 5.77 1.50
C GLN B 91 -11.15 6.58 1.99
N PRO B 92 -11.79 7.32 1.08
CA PRO B 92 -12.92 8.19 1.44
C PRO B 92 -13.97 7.51 2.32
N GLN B 93 -14.58 6.44 1.81
CA GLN B 93 -15.66 5.76 2.53
C GLN B 93 -15.17 5.03 3.77
N LEU B 94 -13.89 4.64 3.78
CA LEU B 94 -13.32 3.94 4.91
C LEU B 94 -13.20 4.87 6.12
N ALA B 95 -12.62 6.05 5.90
CA ALA B 95 -12.45 7.03 6.96
C ALA B 95 -13.81 7.54 7.43
N ALA B 96 -14.75 7.68 6.50
CA ALA B 96 -16.09 8.13 6.81
C ALA B 96 -16.80 7.15 7.73
N TYR B 97 -16.52 5.86 7.54
CA TYR B 97 -17.14 4.82 8.36
C TYR B 97 -16.57 4.82 9.77
N MET B 98 -15.25 4.87 9.88
CA MET B 98 -14.58 4.86 11.18
C MET B 98 -14.74 6.21 11.87
N GLY B 99 -15.22 7.21 11.14
CA GLY B 99 -15.54 8.49 11.72
C GLY B 99 -16.83 8.38 12.52
N THR B 100 -17.67 7.44 12.12
CA THR B 100 -18.95 7.21 12.80
C THR B 100 -18.77 6.36 14.05
N VAL B 101 -18.08 5.23 13.91
CA VAL B 101 -17.97 4.26 15.00
C VAL B 101 -17.02 4.70 16.11
N SER B 102 -15.91 5.33 15.74
CA SER B 102 -14.91 5.74 16.72
C SER B 102 -15.52 6.53 17.87
N ARG B 103 -15.22 6.10 19.09
CA ARG B 103 -15.70 6.79 20.29
C ARG B 103 -14.66 7.75 20.83
N GLY B 104 -13.68 8.08 20.01
CA GLY B 104 -12.64 9.02 20.38
C GLY B 104 -12.35 9.99 19.25
N PHE B 105 -11.08 10.34 19.08
CA PHE B 105 -10.67 11.20 17.99
C PHE B 105 -11.13 10.60 16.66
N LEU B 106 -11.54 11.47 15.73
CA LEU B 106 -12.13 11.01 14.49
C LEU B 106 -11.11 10.99 13.35
N PRO B 107 -11.27 10.02 12.42
CA PRO B 107 -10.37 9.91 11.26
C PRO B 107 -10.73 10.91 10.17
N ILE B 108 -9.91 10.97 9.14
CA ILE B 108 -10.16 11.83 7.98
C ILE B 108 -9.54 11.18 6.75
N PRO B 109 -10.17 11.37 5.58
CA PRO B 109 -9.61 10.79 4.36
C PRO B 109 -8.15 11.19 4.15
N GLY B 110 -7.27 10.20 4.02
CA GLY B 110 -5.86 10.46 3.82
C GLY B 110 -5.03 10.06 5.02
N ASP B 111 -5.62 10.19 6.20
CA ASP B 111 -4.94 9.82 7.45
C ASP B 111 -4.46 8.38 7.41
N SER B 112 -3.34 8.13 8.08
CA SER B 112 -2.86 6.77 8.28
C SER B 112 -3.50 6.20 9.53
N CYS B 113 -3.66 4.88 9.56
CA CYS B 113 -4.29 4.21 10.70
C CYS B 113 -3.45 3.03 11.17
N LEU B 114 -3.49 2.76 12.47
CA LEU B 114 -2.77 1.62 13.03
C LEU B 114 -3.67 0.83 13.98
N TRP B 115 -4.00 -0.38 13.58
CA TRP B 115 -4.81 -1.27 14.41
C TRP B 115 -3.92 -2.33 15.04
N MET B 116 -4.15 -2.61 16.33
CA MET B 116 -3.33 -3.57 17.05
C MET B 116 -4.11 -4.27 18.16
N GLU B 117 -4.11 -5.59 18.11
CA GLU B 117 -4.68 -6.40 19.20
C GLU B 117 -3.53 -7.06 19.96
N VAL B 118 -3.71 -7.22 21.27
CA VAL B 118 -2.67 -7.81 22.10
C VAL B 118 -3.26 -8.62 23.24
N SER B 119 -2.41 -9.14 24.11
CA SER B 119 -2.86 -9.94 25.24
C SER B 119 -1.86 -9.86 26.39
N PRO B 120 -2.37 -9.72 27.63
CA PRO B 120 -3.79 -9.62 27.97
C PRO B 120 -4.44 -8.36 27.41
N GLY B 121 -5.77 -8.33 27.39
CA GLY B 121 -6.50 -7.21 26.84
C GLY B 121 -6.43 -5.97 27.72
N MET B 122 -6.27 -6.17 29.01
CA MET B 122 -6.20 -5.06 29.95
C MET B 122 -4.91 -4.27 29.77
N ALA B 123 -3.91 -4.92 29.17
CA ALA B 123 -2.61 -4.28 28.94
C ALA B 123 -2.70 -3.23 27.84
N VAL B 124 -3.85 -3.12 27.19
CA VAL B 124 -4.04 -2.18 26.11
C VAL B 124 -4.15 -0.75 26.64
N HIS B 125 -4.42 -0.62 27.93
CA HIS B 125 -4.44 0.68 28.59
C HIS B 125 -3.02 1.22 28.71
N ARG B 126 -2.11 0.33 29.12
CA ARG B 126 -0.70 0.67 29.18
C ARG B 126 -0.16 0.96 27.78
N VAL B 127 -0.66 0.23 26.80
CA VAL B 127 -0.22 0.39 25.41
C VAL B 127 -0.74 1.69 24.82
N THR B 128 -1.93 2.11 25.26
CA THR B 128 -2.53 3.35 24.80
C THR B 128 -1.72 4.53 25.31
N ASP B 129 -1.26 4.42 26.56
CA ASP B 129 -0.47 5.47 27.18
C ASP B 129 0.83 5.69 26.43
N ILE B 130 1.53 4.59 26.13
CA ILE B 130 2.82 4.65 25.47
C ILE B 130 2.73 5.25 24.07
N ALA B 131 1.76 4.77 23.29
CA ALA B 131 1.59 5.21 21.91
C ALA B 131 1.33 6.71 21.82
N LEU B 132 0.48 7.21 22.70
CA LEU B 132 0.14 8.63 22.71
C LEU B 132 1.28 9.47 23.28
N LYS B 133 2.14 8.84 24.07
CA LYS B 133 3.30 9.51 24.63
C LYS B 133 4.45 9.59 23.64
N ALA B 134 4.42 8.72 22.63
CA ALA B 134 5.52 8.60 21.67
C ALA B 134 5.55 9.75 20.67
N SER B 135 4.38 10.22 20.25
CA SER B 135 4.31 11.28 19.25
C SER B 135 2.95 11.99 19.26
N ASN B 136 2.62 12.63 18.14
CA ASN B 136 1.39 13.40 18.03
C ASN B 136 0.21 12.56 17.54
N VAL B 137 0.35 11.24 17.58
CA VAL B 137 -0.73 10.35 17.16
C VAL B 137 -1.95 10.55 18.06
N ARG B 138 -3.14 10.31 17.51
CA ARG B 138 -4.38 10.44 18.25
C ARG B 138 -5.04 9.07 18.40
N LEU B 139 -5.89 8.95 19.40
CA LEU B 139 -6.59 7.69 19.68
C LEU B 139 -8.04 7.80 19.22
N GLY B 140 -8.49 6.84 18.43
CA GLY B 140 -9.85 6.83 17.93
C GLY B 140 -10.70 5.74 18.56
N GLN B 141 -10.12 4.55 18.65
CA GLN B 141 -10.82 3.40 19.24
C GLN B 141 -9.97 2.74 20.32
N MET B 142 -10.62 2.02 21.22
CA MET B 142 -9.92 1.28 22.26
C MET B 142 -10.84 0.25 22.90
N ILE B 143 -10.79 -0.98 22.37
CA ILE B 143 -11.55 -2.08 22.93
C ILE B 143 -10.69 -2.83 23.95
N VAL B 144 -11.31 -3.23 25.07
CA VAL B 144 -10.56 -3.87 26.15
C VAL B 144 -11.28 -5.09 26.69
N GLU B 145 -10.93 -6.26 26.16
CA GLU B 145 -11.45 -7.52 26.67
C GLU B 145 -10.41 -8.18 27.56
N ARG B 146 -10.63 -9.45 27.90
CA ARG B 146 -9.65 -10.21 28.68
C ARG B 146 -8.79 -11.06 27.76
N ALA B 147 -9.40 -11.57 26.69
CA ALA B 147 -8.67 -12.39 25.72
C ALA B 147 -7.67 -11.54 24.95
N PHE B 148 -8.06 -10.30 24.66
CA PHE B 148 -7.19 -9.38 23.93
C PHE B 148 -7.79 -7.98 23.86
N GLY B 149 -6.94 -6.99 23.64
CA GLY B 149 -7.37 -5.61 23.58
C GLY B 149 -6.93 -4.92 22.29
N SER B 150 -7.87 -4.25 21.63
CA SER B 150 -7.61 -3.58 20.37
C SER B 150 -7.60 -2.07 20.53
N LEU B 151 -7.11 -1.36 19.51
CA LEU B 151 -7.12 0.10 19.49
C LEU B 151 -6.63 0.62 18.14
N ALA B 152 -7.07 1.83 17.79
CA ALA B 152 -6.70 2.44 16.51
C ALA B 152 -6.10 3.84 16.70
N LEU B 153 -5.11 4.16 15.89
CA LEU B 153 -4.44 5.47 15.95
C LEU B 153 -4.59 6.18 14.61
N TYR B 154 -4.73 7.50 14.65
CA TYR B 154 -4.89 8.30 13.44
C TYR B 154 -3.90 9.47 13.39
N HIS B 155 -3.38 9.74 12.21
CA HIS B 155 -2.56 10.92 11.96
C HIS B 155 -2.22 11.03 10.48
N LYS B 156 -2.34 12.23 9.93
CA LYS B 156 -2.14 12.45 8.50
C LYS B 156 -0.81 11.88 8.01
N ASP B 157 0.24 12.06 8.81
CA ASP B 157 1.58 11.63 8.42
C ASP B 157 1.82 10.16 8.80
N GLN B 158 2.23 9.36 7.81
CA GLN B 158 2.47 7.95 8.02
C GLN B 158 3.59 7.71 9.02
N SER B 159 4.57 8.60 9.01
CA SER B 159 5.75 8.46 9.87
C SER B 159 5.37 8.53 11.35
N THR B 160 4.51 9.49 11.71
CA THR B 160 4.13 9.71 13.09
C THR B 160 3.43 8.49 13.68
N VAL B 161 2.54 7.88 12.91
CA VAL B 161 1.77 6.73 13.37
C VAL B 161 2.65 5.48 13.45
N LEU B 162 3.58 5.34 12.50
CA LEU B 162 4.46 4.19 12.46
C LEU B 162 5.50 4.23 13.57
N HIS B 163 5.83 5.43 14.01
CA HIS B 163 6.82 5.60 15.08
C HIS B 163 6.25 5.10 16.39
N SER B 164 5.08 5.61 16.78
CA SER B 164 4.43 5.18 18.00
C SER B 164 4.20 3.68 17.98
N GLY B 165 3.92 3.14 16.79
CA GLY B 165 3.68 1.72 16.63
C GLY B 165 4.92 0.89 16.95
N ASP B 166 6.07 1.37 16.51
CA ASP B 166 7.32 0.65 16.72
C ASP B 166 7.90 0.91 18.11
N VAL B 167 7.35 1.90 18.80
CA VAL B 167 7.76 2.19 20.17
C VAL B 167 7.00 1.30 21.13
N VAL B 168 5.79 0.90 20.74
CA VAL B 168 4.96 0.01 21.56
C VAL B 168 5.49 -1.41 21.49
N LEU B 169 5.91 -1.83 20.30
CA LEU B 169 6.43 -3.17 20.11
C LEU B 169 7.80 -3.32 20.79
N ASP B 170 8.63 -2.30 20.67
CA ASP B 170 9.95 -2.31 21.31
C ASP B 170 9.83 -2.16 22.82
N ALA B 171 8.61 -1.92 23.29
CA ALA B 171 8.35 -1.78 24.72
C ALA B 171 7.80 -3.08 25.30
N ILE B 172 7.20 -3.90 24.44
CA ILE B 172 6.62 -5.16 24.87
C ILE B 172 7.36 -6.36 24.27
N GLY B 173 8.59 -6.12 23.83
CA GLY B 173 9.40 -7.17 23.22
C GLY B 173 8.65 -7.89 22.12
N SER B 174 8.46 -7.21 21.00
CA SER B 174 7.69 -7.77 19.89
C SER B 174 8.03 -7.05 18.58
N GLU B 175 7.55 -7.61 17.48
CA GLU B 175 7.78 -7.02 16.16
C GLU B 175 6.54 -7.17 15.29
N VAL B 176 6.62 -6.70 14.06
CA VAL B 176 5.49 -6.73 13.14
C VAL B 176 5.14 -8.15 12.72
N ARG B 177 6.16 -8.99 12.54
CA ARG B 177 5.94 -10.34 12.02
C ARG B 177 5.51 -11.33 13.11
N LYS B 178 5.61 -10.91 14.37
CA LYS B 178 5.18 -11.77 15.47
C LYS B 178 3.66 -11.79 15.59
N ARG B 179 2.99 -10.99 14.77
CA ARG B 179 1.54 -10.95 14.75
C ARG B 179 0.98 -12.29 14.29
N THR B 180 -0.28 -12.56 14.62
CA THR B 180 -0.94 -13.78 14.20
C THR B 180 -1.39 -13.67 12.75
N LYS B 181 -0.99 -14.65 11.93
CA LYS B 181 -1.31 -14.65 10.51
C LYS B 181 -2.82 -14.73 10.29
N PRO B 182 -3.36 -13.86 9.43
CA PRO B 182 -4.80 -13.86 9.12
C PRO B 182 -5.25 -15.15 8.45
N SER B 183 -6.55 -15.38 8.42
CA SER B 183 -7.11 -16.57 7.79
C SER B 183 -8.60 -16.39 7.51
N THR B 184 -9.00 -16.68 6.27
CA THR B 184 -10.40 -16.53 5.87
C THR B 184 -11.21 -17.76 6.24
N SER B 185 -12.41 -17.54 6.76
CA SER B 185 -13.31 -18.63 7.11
C SER B 185 -14.56 -18.62 6.24
N TRP B 186 -14.88 -17.46 5.67
CA TRP B 186 -16.04 -17.32 4.81
C TRP B 186 -15.88 -16.15 3.86
N THR B 187 -16.41 -16.32 2.64
CA THR B 187 -16.35 -15.27 1.64
C THR B 187 -17.19 -15.63 0.41
N GLU B 188 -18.18 -14.80 0.10
CA GLU B 188 -19.06 -15.05 -1.04
C GLU B 188 -19.68 -13.75 -1.56
N VAL B 189 -20.25 -13.82 -2.76
CA VAL B 189 -20.92 -12.67 -3.36
C VAL B 189 -22.36 -13.00 -3.73
N ILE B 190 -23.29 -12.54 -2.90
CA ILE B 190 -24.72 -12.74 -3.15
C ILE B 190 -25.25 -11.59 -4.01
N CYS B 191 -25.88 -11.94 -5.13
CA CYS B 191 -26.35 -10.93 -6.08
C CYS B 191 -27.84 -10.66 -5.97
N ALA B 192 -28.25 -9.48 -6.40
CA ALA B 192 -29.66 -9.10 -6.41
C ALA B 192 -30.33 -9.36 -5.06
N ILE B 193 -29.84 -8.69 -4.02
CA ILE B 193 -30.41 -8.83 -2.68
C ILE B 193 -31.87 -8.41 -2.70
N THR B 194 -32.68 -9.08 -1.87
CA THR B 194 -34.10 -8.77 -1.80
C THR B 194 -34.36 -7.66 -0.78
N PRO B 195 -35.49 -6.95 -0.94
CA PRO B 195 -35.87 -5.84 -0.06
C PRO B 195 -35.82 -6.21 1.42
N ASP B 196 -36.36 -7.38 1.77
CA ASP B 196 -36.40 -7.82 3.16
C ASP B 196 -34.99 -7.97 3.74
N HIS B 197 -34.11 -8.58 2.95
CA HIS B 197 -32.73 -8.81 3.37
C HIS B 197 -32.03 -7.49 3.62
N ALA B 198 -32.29 -6.51 2.76
CA ALA B 198 -31.62 -5.22 2.82
C ALA B 198 -32.00 -4.43 4.07
N VAL B 199 -33.25 -4.58 4.50
CA VAL B 199 -33.75 -3.83 5.66
C VAL B 199 -33.09 -4.32 6.95
N LEU B 200 -32.92 -5.64 7.07
CA LEU B 200 -32.26 -6.21 8.25
C LEU B 200 -30.77 -5.92 8.24
N ILE B 201 -30.20 -5.75 7.05
CA ILE B 201 -28.81 -5.37 6.91
C ILE B 201 -28.63 -3.91 7.32
N ASN B 202 -29.68 -3.12 7.10
CA ASN B 202 -29.63 -1.68 7.36
C ASN B 202 -30.03 -1.32 8.79
N ARG B 203 -30.75 -2.22 9.46
CA ARG B 203 -31.27 -1.92 10.78
C ARG B 203 -30.45 -2.53 11.91
N GLN B 204 -29.88 -3.70 11.65
CA GLN B 204 -29.13 -4.41 12.69
C GLN B 204 -27.69 -3.96 12.79
N ASN B 205 -27.46 -2.95 13.64
CA ASN B 205 -26.11 -2.50 13.97
C ASN B 205 -25.27 -2.21 12.73
N ARG B 206 -25.74 -1.29 11.90
CA ARG B 206 -25.00 -0.87 10.71
C ARG B 206 -24.49 0.55 10.88
N SER B 207 -23.22 0.76 10.56
CA SER B 207 -22.61 2.08 10.68
C SER B 207 -22.08 2.58 9.33
N GLY B 208 -22.39 1.83 8.27
CA GLY B 208 -22.00 2.22 6.93
C GLY B 208 -23.14 2.89 6.19
N SER B 209 -23.26 2.61 4.90
CA SER B 209 -24.31 3.20 4.08
C SER B 209 -25.42 2.19 3.81
N MET B 210 -26.49 2.65 3.17
CA MET B 210 -27.64 1.80 2.89
C MET B 210 -27.41 0.90 1.69
N ILE B 211 -27.84 -0.35 1.81
CA ILE B 211 -27.84 -1.28 0.69
C ILE B 211 -29.23 -1.32 0.08
N GLN B 212 -29.32 -1.42 -1.23
CA GLN B 212 -30.59 -1.46 -1.92
C GLN B 212 -30.87 -2.85 -2.45
N SER B 213 -32.13 -3.13 -2.77
CA SER B 213 -32.49 -4.39 -3.39
C SER B 213 -32.09 -4.35 -4.86
N GLY B 214 -31.69 -5.50 -5.40
CA GLY B 214 -31.15 -5.57 -6.75
C GLY B 214 -29.68 -5.23 -6.73
N MET B 215 -29.13 -5.13 -5.53
CA MET B 215 -27.74 -4.72 -5.33
C MET B 215 -26.97 -5.88 -4.73
N SER B 216 -25.92 -6.32 -5.42
CA SER B 216 -25.10 -7.43 -4.95
C SER B 216 -24.47 -7.09 -3.60
N MET B 217 -23.72 -8.05 -3.05
CA MET B 217 -23.14 -7.88 -1.71
C MET B 217 -21.99 -8.85 -1.50
N PHE B 218 -20.91 -8.34 -0.91
CA PHE B 218 -19.75 -9.17 -0.59
C PHE B 218 -19.55 -9.26 0.92
N ILE B 219 -19.51 -10.48 1.44
CA ILE B 219 -19.32 -10.70 2.87
C ILE B 219 -18.03 -11.48 3.14
N LEU B 220 -17.28 -11.04 4.13
CA LEU B 220 -16.00 -11.65 4.46
C LEU B 220 -15.81 -11.77 5.97
N GLU B 221 -15.16 -12.85 6.40
CA GLU B 221 -14.85 -13.06 7.81
C GLU B 221 -13.38 -13.42 7.96
N THR B 222 -12.74 -12.95 9.02
CA THR B 222 -11.32 -13.13 9.19
C THR B 222 -10.89 -13.23 10.67
N GLU B 223 -9.81 -13.95 10.91
CA GLU B 223 -9.21 -14.04 12.23
C GLU B 223 -7.69 -14.00 12.11
N PRO B 224 -7.02 -13.10 12.86
CA PRO B 224 -7.61 -12.14 13.79
C PRO B 224 -8.54 -11.13 13.09
N ALA B 225 -9.44 -10.53 13.86
CA ALA B 225 -10.48 -9.66 13.32
C ALA B 225 -9.93 -8.39 12.69
N GLY B 226 -8.85 -7.86 13.25
CA GLY B 226 -8.32 -6.57 12.85
C GLY B 226 -8.03 -6.43 11.36
N TYR B 227 -7.66 -7.53 10.72
CA TYR B 227 -7.19 -7.49 9.34
C TYR B 227 -8.28 -7.21 8.31
N VAL B 228 -9.52 -7.12 8.79
CA VAL B 228 -10.65 -6.82 7.90
C VAL B 228 -10.54 -5.41 7.35
N LEU B 229 -9.87 -4.54 8.10
CA LEU B 229 -9.67 -3.15 7.67
C LEU B 229 -8.78 -3.11 6.45
N LYS B 230 -7.78 -3.98 6.41
CA LYS B 230 -6.86 -4.05 5.28
C LYS B 230 -7.61 -4.47 4.01
N ALA B 231 -8.64 -5.28 4.20
CA ALA B 231 -9.44 -5.78 3.07
C ALA B 231 -10.39 -4.71 2.57
N ALA B 232 -10.87 -3.86 3.47
CA ALA B 232 -11.83 -2.81 3.13
C ALA B 232 -11.15 -1.66 2.40
N ASN B 233 -9.92 -1.35 2.79
CA ASN B 233 -9.19 -0.23 2.21
C ASN B 233 -8.80 -0.51 0.77
N GLU B 234 -8.41 -1.75 0.49
CA GLU B 234 -8.02 -2.15 -0.86
C GLU B 234 -9.25 -2.34 -1.75
N ALA B 235 -10.37 -2.70 -1.15
CA ALA B 235 -11.60 -2.93 -1.88
C ALA B 235 -12.07 -1.67 -2.58
N GLU B 236 -12.22 -0.59 -1.82
CA GLU B 236 -12.67 0.68 -2.37
C GLU B 236 -11.59 1.30 -3.25
N LYS B 237 -10.33 1.09 -2.88
CA LYS B 237 -9.21 1.60 -3.64
C LYS B 237 -9.12 0.96 -5.01
N SER B 238 -9.79 -0.18 -5.18
CA SER B 238 -9.69 -0.95 -6.42
C SER B 238 -11.03 -1.11 -7.14
N ALA B 239 -12.05 -0.39 -6.69
CA ALA B 239 -13.37 -0.49 -7.33
C ALA B 239 -14.34 0.56 -6.79
N ASN B 240 -15.47 0.69 -7.48
CA ASN B 240 -16.53 1.61 -7.06
C ASN B 240 -17.68 0.84 -6.42
N ILE B 241 -17.55 0.58 -5.12
CA ILE B 241 -18.57 -0.15 -4.37
C ILE B 241 -19.10 0.69 -3.22
N THR B 242 -19.88 0.08 -2.34
CA THR B 242 -20.47 0.80 -1.21
C THR B 242 -20.16 0.09 0.10
N ILE B 243 -19.47 0.80 1.00
CA ILE B 243 -19.19 0.30 2.33
C ILE B 243 -20.47 0.29 3.15
N ILE B 244 -20.86 -0.89 3.62
CA ILE B 244 -22.09 -1.04 4.39
C ILE B 244 -21.79 -1.24 5.88
N ASP B 245 -20.73 -1.99 6.17
CA ASP B 245 -20.35 -2.26 7.55
C ASP B 245 -18.96 -2.86 7.64
N VAL B 246 -18.25 -2.55 8.72
CA VAL B 246 -16.90 -3.06 8.92
C VAL B 246 -16.65 -3.32 10.41
N LYS B 247 -16.90 -4.55 10.84
CA LYS B 247 -16.66 -4.95 12.22
C LYS B 247 -15.24 -5.50 12.38
N ALA B 248 -14.43 -4.81 13.18
CA ALA B 248 -13.04 -5.20 13.36
C ALA B 248 -12.70 -5.52 14.81
N VAL B 249 -13.69 -5.42 15.69
CA VAL B 249 -13.49 -5.70 17.11
C VAL B 249 -14.03 -7.08 17.48
N GLY B 250 -13.24 -7.82 18.25
CA GLY B 250 -13.63 -9.15 18.69
C GLY B 250 -12.68 -10.23 18.22
N ALA B 251 -13.09 -11.48 18.37
CA ALA B 251 -12.28 -12.62 17.96
C ALA B 251 -12.23 -12.74 16.44
N PHE B 252 -13.31 -12.34 15.79
CA PHE B 252 -13.39 -12.39 14.33
C PHE B 252 -13.94 -11.08 13.78
N GLY B 253 -13.85 -10.91 12.46
CA GLY B 253 -14.28 -9.69 11.82
C GLY B 253 -15.31 -9.92 10.73
N ARG B 254 -15.87 -8.83 10.21
CA ARG B 254 -16.88 -8.92 9.16
C ARG B 254 -16.78 -7.73 8.21
N LEU B 255 -17.11 -7.96 6.94
CA LEU B 255 -17.06 -6.91 5.94
C LEU B 255 -18.20 -7.07 4.94
N THR B 256 -19.04 -6.04 4.83
CA THR B 256 -20.17 -6.07 3.92
C THR B 256 -20.08 -4.96 2.88
N LEU B 257 -20.12 -5.34 1.61
CA LEU B 257 -20.10 -4.38 0.51
C LEU B 257 -21.35 -4.57 -0.34
N ALA B 258 -21.50 -3.74 -1.37
CA ALA B 258 -22.64 -3.84 -2.26
C ALA B 258 -22.45 -2.99 -3.52
N GLY B 259 -23.19 -3.33 -4.56
CA GLY B 259 -23.11 -2.63 -5.82
C GLY B 259 -23.37 -3.57 -6.98
N LYS B 260 -23.20 -3.09 -8.21
CA LYS B 260 -23.37 -3.94 -9.38
C LYS B 260 -22.40 -5.11 -9.29
N GLU B 261 -22.87 -6.29 -9.68
CA GLU B 261 -22.10 -7.52 -9.52
C GLU B 261 -20.66 -7.36 -10.01
N GLY B 262 -20.47 -6.59 -11.08
CA GLY B 262 -19.15 -6.39 -11.63
C GLY B 262 -18.19 -5.73 -10.66
N ASP B 263 -18.64 -4.63 -10.06
CA ASP B 263 -17.81 -3.87 -9.10
C ASP B 263 -17.60 -4.66 -7.81
N VAL B 264 -18.60 -5.44 -7.41
CA VAL B 264 -18.56 -6.15 -6.14
C VAL B 264 -17.65 -7.37 -6.22
N GLU B 265 -17.52 -7.95 -7.41
CA GLU B 265 -16.70 -9.13 -7.60
C GLU B 265 -15.24 -8.73 -7.83
N GLU B 266 -15.04 -7.56 -8.41
CA GLU B 266 -13.70 -7.03 -8.63
C GLU B 266 -13.14 -6.47 -7.32
N ALA B 267 -14.04 -6.05 -6.45
CA ALA B 267 -13.65 -5.52 -5.14
C ALA B 267 -13.51 -6.65 -4.14
N ALA B 268 -14.22 -7.75 -4.38
CA ALA B 268 -14.17 -8.90 -3.50
C ALA B 268 -12.85 -9.65 -3.68
N ALA B 269 -12.41 -9.80 -4.92
CA ALA B 269 -11.16 -10.47 -5.22
C ALA B 269 -9.98 -9.63 -4.74
N ALA B 270 -10.22 -8.33 -4.57
CA ALA B 270 -9.17 -7.41 -4.10
C ALA B 270 -9.06 -7.46 -2.58
N ALA B 271 -10.19 -7.74 -1.92
CA ALA B 271 -10.21 -7.84 -0.46
C ALA B 271 -9.51 -9.10 0.00
N ILE B 272 -9.72 -10.20 -0.73
CA ILE B 272 -9.10 -11.47 -0.41
C ILE B 272 -7.62 -11.45 -0.76
N ARG B 273 -7.27 -10.76 -1.84
CA ARG B 273 -5.88 -10.63 -2.25
C ARG B 273 -5.08 -9.87 -1.20
N ALA B 274 -5.70 -8.89 -0.57
CA ALA B 274 -5.06 -8.12 0.47
C ALA B 274 -4.80 -9.00 1.70
N ILE B 275 -5.69 -9.96 1.92
CA ILE B 275 -5.55 -10.89 3.03
C ILE B 275 -4.42 -11.88 2.79
N ASP B 276 -4.21 -12.22 1.51
CA ASP B 276 -3.18 -13.18 1.14
C ASP B 276 -1.78 -12.61 1.29
N GLN B 277 -1.68 -11.28 1.28
CA GLN B 277 -0.38 -10.62 1.42
C GLN B 277 0.14 -10.78 2.84
N ILE B 278 -0.75 -10.64 3.82
CA ILE B 278 -0.39 -10.79 5.22
C ILE B 278 -0.20 -12.27 5.56
N SER B 279 -0.93 -13.12 4.85
CA SER B 279 -0.83 -14.57 5.05
C SER B 279 0.52 -15.09 4.54
N ASN B 280 1.28 -14.20 3.89
CA ASN B 280 2.61 -14.55 3.40
C ASN B 280 3.67 -13.67 4.05
N TYR B 281 3.91 -13.87 5.33
CA TYR B 281 4.90 -13.08 6.06
C TYR B 281 5.79 -13.99 6.90
#